data_6UUI
#
_entry.id   6UUI
#
_cell.length_a   100.124
_cell.length_b   100.124
_cell.length_c   224.788
_cell.angle_alpha   90.000
_cell.angle_beta   90.000
_cell.angle_gamma   120.000
#
_symmetry.space_group_name_H-M   'P 61 2 2'
#
loop_
_entity.id
_entity.type
_entity.pdbx_description
1 polymer 'Keratin, type II cytoskeletal 1'
2 polymer 'Keratin, type I cytoskeletal 10'
3 non-polymer 'octyl beta-D-glucopyranoside'
4 non-polymer GLYCEROL
5 water water
#
loop_
_entity_poly.entity_id
_entity_poly.type
_entity_poly.pdbx_seq_one_letter_code
_entity_poly.pdbx_strand_id
1 'polypeptide(L)'
;ESLYQSKYEELQITAGRHGDSVRNSKIEISELNRVIQRLRSEIDNVKKQISNLQQSISDAEQRGENALKDAKNKLNDLED
ALQQAKEDLARLLRDYQELMNTKLALDLEIATYRTLLEGE
;
C
2 'polypeptide(L)'
;GSEAWFNEKSKELTTEIDNNIEQISSYKSEITELRRNVQALEIELQSQLALKQSLEASLAETEGRYAVQLSQIQAQISAL
EEQLQQIRAETECQNTEYQQLLDIKIRLENEIQTYRSLLEGE
;
X
#
loop_
_chem_comp.id
_chem_comp.type
_chem_comp.name
_chem_comp.formula
BOG D-saccharide 'octyl beta-D-glucopyranoside' 'C14 H28 O6'
GOL non-polymer GLYCEROL 'C3 H8 O3'
#
# COMPACT_ATOMS: atom_id res chain seq x y z
N THR A 14 -10.46 -75.17 -17.25
CA THR A 14 -9.29 -75.19 -18.13
C THR A 14 -8.15 -74.37 -17.52
N ALA A 15 -6.97 -74.99 -17.45
CA ALA A 15 -5.86 -74.43 -16.67
C ALA A 15 -5.54 -73.00 -17.06
N GLY A 16 -5.16 -72.79 -18.32
CA GLY A 16 -4.74 -71.50 -18.82
C GLY A 16 -5.64 -70.36 -18.38
N ARG A 17 -6.94 -70.47 -18.69
CA ARG A 17 -7.88 -69.41 -18.35
C ARG A 17 -7.85 -69.06 -16.86
N HIS A 18 -7.62 -70.06 -16.00
CA HIS A 18 -7.64 -69.82 -14.56
C HIS A 18 -6.36 -69.12 -14.10
N GLY A 19 -5.21 -69.66 -14.45
CA GLY A 19 -3.96 -68.93 -14.23
C GLY A 19 -4.07 -67.49 -14.68
N ASP A 20 -4.75 -67.26 -15.82
CA ASP A 20 -4.90 -65.91 -16.36
C ASP A 20 -5.81 -65.07 -15.48
N SER A 21 -6.95 -65.61 -15.03
CA SER A 21 -7.85 -64.85 -14.18
C SER A 21 -7.16 -64.42 -12.89
N VAL A 22 -6.63 -65.38 -12.14
CA VAL A 22 -5.92 -65.03 -10.91
C VAL A 22 -4.84 -64.00 -11.19
N ARG A 23 -4.05 -64.21 -12.24
CA ARG A 23 -2.89 -63.35 -12.47
C ARG A 23 -3.32 -61.92 -12.80
N ASN A 24 -4.24 -61.75 -13.75
CA ASN A 24 -4.64 -60.41 -14.13
C ASN A 24 -5.37 -59.70 -12.99
N SER A 25 -6.06 -60.45 -12.12
CA SER A 25 -6.65 -59.83 -10.93
C SER A 25 -5.56 -59.31 -10.00
N LYS A 26 -4.58 -60.17 -9.67
CA LYS A 26 -3.47 -59.73 -8.82
C LYS A 26 -2.80 -58.48 -9.37
N ILE A 27 -2.54 -58.46 -10.68
CA ILE A 27 -1.82 -57.33 -11.26
C ILE A 27 -2.70 -56.08 -11.23
N GLU A 28 -3.99 -56.23 -11.51
CA GLU A 28 -4.91 -55.09 -11.36
C GLU A 28 -4.85 -54.53 -9.96
N ILE A 29 -4.72 -55.41 -8.95
CA ILE A 29 -4.66 -54.95 -7.57
C ILE A 29 -3.37 -54.17 -7.31
N SER A 30 -2.22 -54.70 -7.74
CA SER A 30 -0.99 -53.92 -7.63
C SER A 30 -1.15 -52.54 -8.25
N GLU A 31 -1.63 -52.51 -9.50
CA GLU A 31 -1.87 -51.23 -10.18
C GLU A 31 -2.68 -50.30 -9.30
N LEU A 32 -3.85 -50.74 -8.87
CA LEU A 32 -4.72 -49.88 -8.05
C LEU A 32 -3.98 -49.36 -6.81
N ASN A 33 -3.16 -50.22 -6.18
CA ASN A 33 -2.51 -49.80 -4.95
C ASN A 33 -1.48 -48.70 -5.20
N ARG A 34 -0.77 -48.75 -6.33
N ARG A 34 -0.77 -48.74 -6.33
CA ARG A 34 0.20 -47.68 -6.60
CA ARG A 34 0.19 -47.67 -6.61
C ARG A 34 -0.50 -46.35 -6.86
C ARG A 34 -0.50 -46.35 -6.87
N VAL A 35 -1.65 -46.37 -7.55
CA VAL A 35 -2.35 -45.11 -7.84
C VAL A 35 -3.00 -44.57 -6.58
N ILE A 36 -3.45 -45.43 -5.66
CA ILE A 36 -3.90 -44.95 -4.37
C ILE A 36 -2.79 -44.19 -3.67
N GLN A 37 -1.57 -44.73 -3.70
CA GLN A 37 -0.44 -44.05 -3.07
C GLN A 37 -0.16 -42.72 -3.74
N ARG A 38 -0.15 -42.70 -5.07
CA ARG A 38 0.07 -41.45 -5.79
C ARG A 38 -0.98 -40.40 -5.38
N LEU A 39 -2.25 -40.80 -5.37
CA LEU A 39 -3.32 -39.86 -5.03
C LEU A 39 -3.13 -39.31 -3.62
N ARG A 40 -2.93 -40.20 -2.63
CA ARG A 40 -2.72 -39.72 -1.26
C ARG A 40 -1.54 -38.76 -1.18
N SER A 41 -0.47 -39.05 -1.92
CA SER A 41 0.68 -38.14 -1.95
C SER A 41 0.26 -36.76 -2.46
N GLU A 42 -0.53 -36.72 -3.54
CA GLU A 42 -0.89 -35.43 -4.11
C GLU A 42 -1.85 -34.66 -3.22
N ILE A 43 -2.77 -35.36 -2.55
CA ILE A 43 -3.61 -34.71 -1.55
C ILE A 43 -2.75 -34.09 -0.46
N ASP A 44 -1.72 -34.82 -0.01
CA ASP A 44 -0.78 -34.25 0.94
C ASP A 44 -0.16 -32.98 0.40
N ASN A 45 0.31 -33.02 -0.86
CA ASN A 45 0.83 -31.82 -1.50
C ASN A 45 -0.13 -30.65 -1.35
N VAL A 46 -1.36 -30.82 -1.85
CA VAL A 46 -2.31 -29.71 -1.87
C VAL A 46 -2.57 -29.20 -0.46
N LYS A 47 -2.56 -30.10 0.53
CA LYS A 47 -2.77 -29.66 1.90
C LYS A 47 -1.61 -28.78 2.37
N LYS A 48 -0.38 -29.14 1.99
CA LYS A 48 0.75 -28.30 2.36
C LYS A 48 0.68 -26.95 1.67
N GLN A 49 0.35 -26.94 0.37
CA GLN A 49 0.13 -25.68 -0.33
C GLN A 49 -0.89 -24.82 0.41
N ILE A 50 -2.03 -25.42 0.77
CA ILE A 50 -3.07 -24.71 1.52
C ILE A 50 -2.48 -24.09 2.78
N SER A 51 -1.78 -24.89 3.57
CA SER A 51 -1.15 -24.36 4.79
C SER A 51 -0.32 -23.12 4.47
N ASN A 52 0.58 -23.23 3.48
CA ASN A 52 1.38 -22.09 3.08
C ASN A 52 0.52 -20.89 2.73
N LEU A 53 -0.59 -21.12 2.02
CA LEU A 53 -1.46 -20.03 1.61
C LEU A 53 -2.05 -19.32 2.82
N GLN A 54 -2.55 -20.07 3.80
CA GLN A 54 -3.09 -19.45 5.00
C GLN A 54 -2.04 -18.60 5.69
N GLN A 55 -0.84 -19.16 5.89
CA GLN A 55 0.24 -18.38 6.49
C GLN A 55 0.51 -17.11 5.70
N SER A 56 0.49 -17.21 4.37
CA SER A 56 0.74 -16.05 3.51
C SER A 56 -0.37 -15.01 3.64
N ILE A 57 -1.61 -15.45 3.89
CA ILE A 57 -2.71 -14.51 4.11
C ILE A 57 -2.45 -13.72 5.39
N SER A 58 -2.25 -14.42 6.51
CA SER A 58 -1.99 -13.71 7.76
C SER A 58 -0.81 -12.77 7.60
N ASP A 59 0.28 -13.25 7.00
CA ASP A 59 1.44 -12.42 6.74
C ASP A 59 1.04 -11.15 5.99
N ALA A 60 0.32 -11.30 4.88
CA ALA A 60 -0.10 -10.14 4.10
C ALA A 60 -0.89 -9.17 4.96
N GLU A 61 -1.68 -9.68 5.89
CA GLU A 61 -2.45 -8.82 6.78
C GLU A 61 -1.52 -7.98 7.65
N GLN A 62 -0.60 -8.62 8.38
CA GLN A 62 0.26 -7.86 9.27
C GLN A 62 1.11 -6.85 8.49
N ARG A 63 1.61 -7.25 7.33
CA ARG A 63 2.36 -6.33 6.48
C ARG A 63 1.51 -5.13 6.12
N GLY A 64 0.31 -5.37 5.59
CA GLY A 64 -0.55 -4.27 5.20
C GLY A 64 -0.82 -3.32 6.33
N GLU A 65 -1.17 -3.85 7.51
CA GLU A 65 -1.45 -2.99 8.65
C GLU A 65 -0.25 -2.14 9.03
N ASN A 66 0.94 -2.75 9.10
CA ASN A 66 2.14 -1.96 9.37
C ASN A 66 2.30 -0.83 8.36
N ALA A 67 2.08 -1.14 7.07
CA ALA A 67 2.19 -0.10 6.04
C ALA A 67 1.21 1.03 6.32
N LEU A 68 -0.05 0.70 6.58
CA LEU A 68 -1.05 1.72 6.88
C LEU A 68 -0.59 2.60 8.04
N LYS A 69 -0.11 1.98 9.12
CA LYS A 69 0.31 2.76 10.29
C LYS A 69 1.44 3.72 9.93
N ASP A 70 2.49 3.21 9.27
CA ASP A 70 3.60 4.07 8.88
C ASP A 70 3.10 5.24 8.03
N ALA A 71 2.28 4.96 7.02
CA ALA A 71 1.79 6.02 6.14
C ALA A 71 0.97 7.05 6.91
N LYS A 72 0.14 6.60 7.85
CA LYS A 72 -0.66 7.52 8.63
C LYS A 72 0.22 8.43 9.48
N ASN A 73 1.26 7.87 10.09
CA ASN A 73 2.20 8.71 10.83
C ASN A 73 2.83 9.76 9.92
N LYS A 74 3.32 9.33 8.75
CA LYS A 74 3.90 10.28 7.80
C LYS A 74 2.91 11.41 7.49
N LEU A 75 1.67 11.06 7.14
CA LEU A 75 0.68 12.06 6.82
C LEU A 75 0.45 13.01 7.99
N ASN A 76 0.31 12.47 9.20
CA ASN A 76 0.08 13.33 10.36
C ASN A 76 1.20 14.35 10.49
N ASP A 77 2.46 13.89 10.44
CA ASP A 77 3.59 14.81 10.48
C ASP A 77 3.46 15.87 9.39
N LEU A 78 3.01 15.47 8.19
CA LEU A 78 2.90 16.44 7.10
C LEU A 78 1.79 17.46 7.36
N GLU A 79 0.66 17.03 7.90
CA GLU A 79 -0.38 17.98 8.26
C GLU A 79 0.15 19.03 9.23
N ASP A 80 0.87 18.57 10.26
CA ASP A 80 1.45 19.52 11.21
C ASP A 80 2.43 20.47 10.53
N ALA A 81 3.28 19.94 9.64
CA ALA A 81 4.22 20.80 8.92
C ALA A 81 3.47 21.84 8.09
N LEU A 82 2.39 21.42 7.43
CA LEU A 82 1.59 22.34 6.64
C LEU A 82 1.07 23.47 7.51
N GLN A 83 0.37 23.12 8.60
CA GLN A 83 -0.14 24.14 9.50
C GLN A 83 0.96 25.11 9.90
N GLN A 84 2.15 24.58 10.24
CA GLN A 84 3.24 25.45 10.64
C GLN A 84 3.63 26.41 9.53
N ALA A 85 3.74 25.91 8.29
CA ALA A 85 4.13 26.77 7.18
C ALA A 85 3.11 27.87 6.96
N LYS A 86 1.82 27.53 7.08
CA LYS A 86 0.78 28.56 6.99
C LYS A 86 0.99 29.63 8.06
N GLU A 87 1.22 29.22 9.30
CA GLU A 87 1.40 30.21 10.36
C GLU A 87 2.61 31.10 10.09
N ASP A 88 3.73 30.51 9.67
CA ASP A 88 4.86 31.32 9.23
C ASP A 88 4.43 32.36 8.21
N LEU A 89 3.69 31.94 7.18
CA LEU A 89 3.29 32.86 6.13
C LEU A 89 2.38 33.97 6.66
N ALA A 90 1.42 33.62 7.51
CA ALA A 90 0.52 34.63 8.06
C ALA A 90 1.28 35.67 8.89
N ARG A 91 2.15 35.21 9.80
N ARG A 91 2.16 35.23 9.79
CA ARG A 91 3.02 36.15 10.51
CA ARG A 91 2.98 36.18 10.51
C ARG A 91 3.74 37.07 9.54
C ARG A 91 3.76 37.07 9.55
N LEU A 92 4.35 36.48 8.51
CA LEU A 92 5.06 37.29 7.52
C LEU A 92 4.14 38.32 6.88
N LEU A 93 2.89 37.94 6.58
CA LEU A 93 1.99 38.84 5.90
C LEU A 93 1.59 40.01 6.79
N ARG A 94 1.30 39.75 8.08
CA ARG A 94 0.96 40.86 8.96
C ARG A 94 2.17 41.77 9.16
N ASP A 95 3.36 41.20 9.29
CA ASP A 95 4.55 42.04 9.33
C ASP A 95 4.64 42.93 8.09
N TYR A 96 4.37 42.35 6.91
CA TYR A 96 4.43 43.13 5.67
C TYR A 96 3.39 44.25 5.67
N GLN A 97 2.18 43.98 6.16
CA GLN A 97 1.18 45.03 6.23
C GLN A 97 1.67 46.20 7.06
N GLU A 98 2.17 45.92 8.26
CA GLU A 98 2.72 46.97 9.11
C GLU A 98 3.77 47.80 8.35
N LEU A 99 4.80 47.11 7.87
CA LEU A 99 5.88 47.77 7.15
C LEU A 99 5.31 48.69 6.06
N MET A 100 4.34 48.18 5.30
CA MET A 100 3.79 48.95 4.19
C MET A 100 3.13 50.22 4.70
N ASN A 101 2.30 50.12 5.74
CA ASN A 101 1.69 51.30 6.31
C ASN A 101 2.75 52.38 6.56
N THR A 102 3.80 52.01 7.30
CA THR A 102 4.87 52.98 7.57
C THR A 102 5.38 53.62 6.28
N LYS A 103 5.75 52.78 5.31
CA LYS A 103 6.33 53.30 4.07
C LYS A 103 5.37 54.29 3.39
N LEU A 104 4.06 54.03 3.47
CA LEU A 104 3.11 54.94 2.85
C LEU A 104 3.12 56.30 3.54
N ALA A 105 3.25 56.31 4.87
CA ALA A 105 3.43 57.59 5.56
C ALA A 105 4.59 58.38 4.95
N LEU A 106 5.75 57.74 4.86
CA LEU A 106 6.90 58.47 4.32
C LEU A 106 6.63 58.95 2.89
N ASP A 107 6.03 58.08 2.07
CA ASP A 107 5.62 58.49 0.73
C ASP A 107 4.81 59.79 0.79
N LEU A 108 3.90 59.90 1.76
CA LEU A 108 3.11 61.13 1.88
C LEU A 108 4.04 62.34 2.00
N GLU A 109 4.94 62.33 2.99
CA GLU A 109 5.86 63.46 3.11
C GLU A 109 6.48 63.82 1.74
N ILE A 110 7.04 62.81 1.07
CA ILE A 110 7.76 63.08 -0.17
C ILE A 110 6.85 63.75 -1.19
N ALA A 111 5.64 63.19 -1.40
CA ALA A 111 4.76 63.74 -2.42
C ALA A 111 4.35 65.17 -2.10
N THR A 112 4.20 65.51 -0.82
CA THR A 112 3.89 66.90 -0.49
C THR A 112 5.01 67.82 -0.95
N TYR A 113 6.26 67.47 -0.64
CA TYR A 113 7.37 68.33 -1.06
C TYR A 113 7.43 68.44 -2.59
N ARG A 114 7.21 67.32 -3.29
CA ARG A 114 7.20 67.32 -4.75
C ARG A 114 6.16 68.31 -5.29
N THR A 115 4.90 68.16 -4.84
CA THR A 115 3.85 69.09 -5.27
C THR A 115 4.23 70.53 -4.94
N LEU A 116 5.00 70.74 -3.87
CA LEU A 116 5.52 72.09 -3.63
C LEU A 116 6.39 72.54 -4.78
N LEU A 117 7.34 71.69 -5.22
CA LEU A 117 8.22 72.11 -6.32
C LEU A 117 7.43 72.37 -7.59
N GLU A 118 6.30 71.69 -7.78
CA GLU A 118 5.56 71.84 -9.03
C GLU A 118 5.08 73.28 -9.24
N GLY A 119 4.36 73.85 -8.27
CA GLY A 119 3.73 75.15 -8.48
C GLY A 119 4.76 76.24 -8.77
N GLU A 120 5.89 76.19 -8.07
CA GLU A 120 6.99 77.17 -8.18
C GLU A 120 6.57 78.56 -8.69
N THR B 15 -11.81 -80.31 -3.93
CA THR B 15 -12.22 -79.08 -3.27
C THR B 15 -11.18 -77.97 -3.47
N GLU B 16 -9.95 -78.38 -3.80
CA GLU B 16 -8.90 -77.40 -4.12
C GLU B 16 -9.41 -76.36 -5.12
N ILE B 17 -9.92 -76.82 -6.27
CA ILE B 17 -10.42 -75.91 -7.30
C ILE B 17 -11.51 -75.00 -6.75
N ASP B 18 -12.37 -75.51 -5.87
CA ASP B 18 -13.40 -74.66 -5.25
C ASP B 18 -12.75 -73.57 -4.40
N ASN B 19 -11.73 -73.92 -3.61
CA ASN B 19 -10.95 -72.91 -2.89
C ASN B 19 -10.46 -71.82 -3.85
N ASN B 20 -9.91 -72.22 -5.00
CA ASN B 20 -9.46 -71.25 -5.99
C ASN B 20 -10.62 -70.35 -6.45
N ILE B 21 -11.78 -70.93 -6.73
CA ILE B 21 -12.93 -70.16 -7.22
C ILE B 21 -13.36 -69.12 -6.20
N GLU B 22 -13.66 -69.57 -4.97
CA GLU B 22 -14.04 -68.61 -3.94
C GLU B 22 -12.95 -67.57 -3.76
N GLN B 23 -11.69 -67.93 -4.01
CA GLN B 23 -10.62 -66.95 -4.02
C GLN B 23 -10.82 -65.94 -5.16
N ILE B 24 -11.36 -66.37 -6.30
CA ILE B 24 -11.63 -65.43 -7.38
C ILE B 24 -12.72 -64.45 -6.97
N SER B 25 -13.81 -64.95 -6.37
CA SER B 25 -14.81 -64.02 -5.85
C SER B 25 -14.19 -63.07 -4.83
N SER B 26 -13.21 -63.56 -4.06
CA SER B 26 -12.51 -62.70 -3.11
C SER B 26 -11.76 -61.57 -3.83
N TYR B 27 -11.00 -61.91 -4.88
CA TYR B 27 -10.28 -60.88 -5.63
C TYR B 27 -11.25 -59.87 -6.23
N LYS B 28 -12.35 -60.35 -6.82
CA LYS B 28 -13.42 -59.45 -7.25
C LYS B 28 -13.77 -58.46 -6.16
N SER B 29 -14.13 -58.96 -4.98
CA SER B 29 -14.51 -58.10 -3.87
C SER B 29 -13.44 -57.04 -3.61
N GLU B 30 -12.18 -57.48 -3.43
CA GLU B 30 -11.12 -56.54 -3.10
C GLU B 30 -10.98 -55.48 -4.18
N ILE B 31 -11.08 -55.87 -5.45
CA ILE B 31 -10.94 -54.92 -6.54
C ILE B 31 -12.04 -53.86 -6.48
N THR B 32 -13.29 -54.31 -6.28
CA THR B 32 -14.38 -53.37 -6.06
C THR B 32 -14.02 -52.36 -4.98
N GLU B 33 -13.59 -52.87 -3.82
CA GLU B 33 -13.31 -51.98 -2.70
C GLU B 33 -12.21 -50.97 -3.05
N LEU B 34 -11.13 -51.44 -3.65
CA LEU B 34 -10.04 -50.54 -4.02
C LEU B 34 -10.51 -49.48 -5.00
N ARG B 35 -11.39 -49.85 -5.93
CA ARG B 35 -11.94 -48.87 -6.85
C ARG B 35 -12.72 -47.80 -6.11
N ARG B 36 -13.60 -48.21 -5.19
CA ARG B 36 -14.35 -47.22 -4.40
C ARG B 36 -13.40 -46.29 -3.66
N ASN B 37 -12.33 -46.84 -3.08
CA ASN B 37 -11.34 -46.00 -2.42
C ASN B 37 -10.75 -44.98 -3.39
N VAL B 38 -10.41 -45.43 -4.61
CA VAL B 38 -9.84 -44.53 -5.59
C VAL B 38 -10.80 -43.39 -5.92
N GLN B 39 -12.08 -43.72 -6.16
CA GLN B 39 -13.06 -42.67 -6.39
C GLN B 39 -13.07 -41.66 -5.26
N ALA B 40 -13.21 -42.15 -4.02
CA ALA B 40 -13.21 -41.25 -2.87
C ALA B 40 -11.99 -40.34 -2.86
N LEU B 41 -10.82 -40.90 -3.19
CA LEU B 41 -9.60 -40.12 -3.13
C LEU B 41 -9.53 -39.08 -4.25
N GLU B 42 -10.00 -39.43 -5.45
CA GLU B 42 -10.10 -38.44 -6.52
C GLU B 42 -10.99 -37.29 -6.11
N ILE B 43 -12.16 -37.59 -5.55
CA ILE B 43 -13.06 -36.53 -5.09
C ILE B 43 -12.37 -35.66 -4.05
N GLU B 44 -11.76 -36.29 -3.04
CA GLU B 44 -11.07 -35.52 -2.02
C GLU B 44 -10.01 -34.62 -2.63
N LEU B 45 -9.31 -35.11 -3.66
CA LEU B 45 -8.30 -34.29 -4.32
C LEU B 45 -8.94 -33.08 -4.98
N GLN B 46 -10.02 -33.30 -5.73
CA GLN B 46 -10.81 -32.20 -6.25
C GLN B 46 -11.08 -31.17 -5.16
N SER B 47 -11.75 -31.60 -4.09
CA SER B 47 -12.17 -30.69 -3.03
C SER B 47 -10.98 -29.89 -2.51
N GLN B 48 -9.87 -30.58 -2.23
CA GLN B 48 -8.70 -29.88 -1.69
C GLN B 48 -8.18 -28.83 -2.67
N LEU B 49 -8.11 -29.18 -3.96
CA LEU B 49 -7.68 -28.21 -4.96
C LEU B 49 -8.61 -27.00 -4.97
N ALA B 50 -9.92 -27.25 -5.00
CA ALA B 50 -10.91 -26.18 -4.85
C ALA B 50 -10.51 -25.24 -3.73
N LEU B 51 -10.36 -25.80 -2.52
CA LEU B 51 -10.04 -24.96 -1.37
C LEU B 51 -8.77 -24.15 -1.63
N LYS B 52 -7.73 -24.80 -2.17
CA LYS B 52 -6.51 -24.07 -2.48
C LYS B 52 -6.80 -22.85 -3.34
N GLN B 53 -7.61 -23.03 -4.38
CA GLN B 53 -7.90 -21.93 -5.29
C GLN B 53 -8.67 -20.82 -4.60
N SER B 54 -9.67 -21.17 -3.79
CA SER B 54 -10.43 -20.14 -3.08
C SER B 54 -9.53 -19.39 -2.10
N LEU B 55 -8.49 -20.05 -1.57
CA LEU B 55 -7.55 -19.35 -0.71
C LEU B 55 -6.63 -18.45 -1.52
N GLU B 56 -6.27 -18.85 -2.73
CA GLU B 56 -5.59 -17.92 -3.62
C GLU B 56 -6.44 -16.68 -3.83
N ALA B 57 -7.74 -16.87 -4.04
CA ALA B 57 -8.65 -15.74 -4.18
C ALA B 57 -8.61 -14.86 -2.92
N SER B 58 -8.79 -15.47 -1.75
CA SER B 58 -8.80 -14.70 -0.51
C SER B 58 -7.50 -13.91 -0.35
N LEU B 59 -6.37 -14.52 -0.68
CA LEU B 59 -5.10 -13.80 -0.61
C LEU B 59 -5.10 -12.59 -1.54
N ALA B 60 -5.58 -12.76 -2.77
CA ALA B 60 -5.65 -11.64 -3.70
C ALA B 60 -6.55 -10.53 -3.15
N GLU B 61 -7.69 -10.90 -2.56
CA GLU B 61 -8.56 -9.92 -1.92
C GLU B 61 -7.80 -9.13 -0.86
N THR B 62 -7.27 -9.84 0.14
CA THR B 62 -6.53 -9.19 1.21
C THR B 62 -5.50 -8.21 0.64
N GLU B 63 -4.58 -8.71 -0.19
CA GLU B 63 -3.50 -7.87 -0.70
C GLU B 63 -4.04 -6.67 -1.46
N GLY B 64 -5.04 -6.87 -2.32
CA GLY B 64 -5.58 -5.76 -3.09
C GLY B 64 -6.18 -4.69 -2.20
N ARG B 65 -6.99 -5.10 -1.23
CA ARG B 65 -7.62 -4.14 -0.32
C ARG B 65 -6.56 -3.31 0.40
N TYR B 66 -5.56 -3.98 0.98
CA TYR B 66 -4.51 -3.23 1.67
C TYR B 66 -3.79 -2.28 0.72
N ALA B 67 -3.47 -2.76 -0.48
CA ALA B 67 -2.77 -1.91 -1.44
C ALA B 67 -3.61 -0.69 -1.79
N VAL B 68 -4.92 -0.85 -1.90
CA VAL B 68 -5.78 0.30 -2.21
C VAL B 68 -5.70 1.31 -1.07
N GLN B 69 -6.05 0.88 0.16
CA GLN B 69 -6.05 1.83 1.27
C GLN B 69 -4.71 2.56 1.36
N LEU B 70 -3.61 1.82 1.22
CA LEU B 70 -2.29 2.44 1.15
C LEU B 70 -2.23 3.46 0.03
N SER B 71 -2.85 3.18 -1.11
CA SER B 71 -2.77 4.10 -2.24
C SER B 71 -3.53 5.38 -1.96
N GLN B 72 -4.72 5.27 -1.34
CA GLN B 72 -5.44 6.46 -0.89
C GLN B 72 -4.56 7.33 -0.01
N ILE B 73 -3.99 6.74 1.05
CA ILE B 73 -3.18 7.54 1.97
C ILE B 73 -2.01 8.16 1.22
N GLN B 74 -1.30 7.36 0.41
CA GLN B 74 -0.19 7.89 -0.38
C GLN B 74 -0.61 9.06 -1.24
N ALA B 75 -1.82 9.00 -1.81
CA ALA B 75 -2.34 10.14 -2.56
C ALA B 75 -2.45 11.36 -1.65
N GLN B 76 -2.94 11.16 -0.42
CA GLN B 76 -3.00 12.27 0.52
C GLN B 76 -1.61 12.87 0.76
N ILE B 77 -0.61 12.01 0.98
CA ILE B 77 0.75 12.49 1.19
C ILE B 77 1.23 13.28 -0.02
N SER B 78 0.88 12.81 -1.23
CA SER B 78 1.30 13.51 -2.44
C SER B 78 0.70 14.91 -2.48
N ALA B 79 -0.63 15.01 -2.36
CA ALA B 79 -1.28 16.32 -2.35
C ALA B 79 -0.69 17.23 -1.29
N LEU B 80 -0.59 16.75 -0.05
CA LEU B 80 -0.07 17.58 1.04
C LEU B 80 1.33 18.07 0.74
N GLU B 81 2.25 17.16 0.40
CA GLU B 81 3.59 17.58 0.02
C GLU B 81 3.54 18.66 -1.06
N GLU B 82 2.65 18.49 -2.04
CA GLU B 82 2.50 19.48 -3.10
C GLU B 82 2.16 20.86 -2.52
N GLN B 83 1.06 20.94 -1.78
CA GLN B 83 0.62 22.22 -1.22
C GLN B 83 1.69 22.81 -0.32
N LEU B 84 2.25 22.01 0.57
CA LEU B 84 3.36 22.44 1.40
C LEU B 84 4.42 23.14 0.55
N GLN B 85 4.86 22.48 -0.52
CA GLN B 85 5.87 23.08 -1.40
C GLN B 85 5.41 24.42 -1.94
N GLN B 86 4.16 24.50 -2.40
CA GLN B 86 3.64 25.76 -2.92
C GLN B 86 3.69 26.86 -1.86
N ILE B 87 3.23 26.57 -0.65
CA ILE B 87 3.20 27.57 0.42
C ILE B 87 4.61 28.02 0.75
N ARG B 88 5.57 27.09 0.81
CA ARG B 88 6.94 27.49 1.12
C ARG B 88 7.52 28.37 0.02
N ALA B 89 7.24 28.04 -1.24
CA ALA B 89 7.69 28.88 -2.35
C ALA B 89 7.12 30.29 -2.23
N GLU B 90 5.79 30.37 -2.08
CA GLU B 90 5.17 31.68 -1.88
C GLU B 90 5.86 32.43 -0.75
N THR B 91 6.08 31.75 0.39
CA THR B 91 6.69 32.41 1.54
C THR B 91 8.07 32.96 1.20
N GLU B 92 8.82 32.26 0.34
CA GLU B 92 10.12 32.78 -0.05
C GLU B 92 9.96 34.03 -0.92
N CYS B 93 9.04 33.99 -1.89
CA CYS B 93 8.78 35.18 -2.69
C CYS B 93 8.41 36.37 -1.80
N GLN B 94 7.60 36.13 -0.78
CA GLN B 94 7.15 37.22 0.08
C GLN B 94 8.25 37.68 1.04
N ASN B 95 9.15 36.79 1.44
CA ASN B 95 10.35 37.24 2.13
C ASN B 95 11.13 38.20 1.26
N THR B 96 11.29 37.88 -0.03
CA THR B 96 11.97 38.77 -0.95
C THR B 96 11.28 40.13 -1.01
N GLU B 97 10.01 40.14 -1.44
CA GLU B 97 9.25 41.39 -1.52
C GLU B 97 9.39 42.20 -0.24
N TYR B 98 9.14 41.55 0.90
CA TYR B 98 9.29 42.20 2.20
C TYR B 98 10.65 42.89 2.31
N GLN B 99 11.72 42.16 1.99
CA GLN B 99 13.04 42.73 2.17
C GLN B 99 13.25 43.95 1.29
N GLN B 100 12.79 43.89 0.03
CA GLN B 100 12.87 45.06 -0.84
C GLN B 100 12.15 46.24 -0.19
N LEU B 101 10.91 46.02 0.24
CA LEU B 101 10.15 47.10 0.89
C LEU B 101 10.92 47.68 2.06
N LEU B 102 11.55 46.81 2.86
CA LEU B 102 12.30 47.29 4.02
C LEU B 102 13.49 48.16 3.61
N ASP B 103 14.24 47.71 2.60
CA ASP B 103 15.33 48.54 2.08
C ASP B 103 14.83 49.91 1.66
N ILE B 104 13.77 49.95 0.85
CA ILE B 104 13.21 51.23 0.42
C ILE B 104 12.86 52.09 1.63
N LYS B 105 12.02 51.55 2.52
CA LYS B 105 11.65 52.28 3.73
C LYS B 105 12.87 52.90 4.41
N ILE B 106 13.83 52.06 4.80
CA ILE B 106 14.97 52.57 5.56
C ILE B 106 15.69 53.65 4.77
N ARG B 107 15.75 53.52 3.45
CA ARG B 107 16.40 54.54 2.62
C ARG B 107 15.66 55.88 2.73
N LEU B 108 14.36 55.88 2.45
CA LEU B 108 13.58 57.11 2.55
C LEU B 108 13.68 57.70 3.95
N GLU B 109 13.52 56.85 4.97
CA GLU B 109 13.53 57.30 6.36
C GLU B 109 14.86 57.94 6.74
N ASN B 110 15.97 57.23 6.52
CA ASN B 110 17.29 57.78 6.78
C ASN B 110 17.50 59.09 6.03
N GLU B 111 17.08 59.14 4.77
CA GLU B 111 17.30 60.31 3.93
C GLU B 111 16.55 61.53 4.47
N ILE B 112 15.23 61.39 4.62
CA ILE B 112 14.43 62.41 5.31
C ILE B 112 15.13 62.87 6.57
N GLN B 113 15.43 61.93 7.47
CA GLN B 113 15.98 62.28 8.76
C GLN B 113 17.29 63.04 8.62
N THR B 114 18.08 62.73 7.59
CA THR B 114 19.29 63.49 7.32
C THR B 114 18.96 64.94 7.00
N TYR B 115 17.98 65.16 6.11
CA TYR B 115 17.56 66.54 5.83
C TYR B 115 17.13 67.24 7.10
N ARG B 116 16.28 66.58 7.89
CA ARG B 116 15.76 67.19 9.11
C ARG B 116 16.88 67.57 10.08
N SER B 117 17.72 66.60 10.45
CA SER B 117 18.83 66.89 11.36
C SER B 117 19.73 67.99 10.81
N LEU B 118 19.93 68.02 9.49
CA LEU B 118 20.76 69.06 8.90
C LEU B 118 20.15 70.44 9.14
N LEU B 119 18.89 70.64 8.77
CA LEU B 119 18.29 71.96 8.90
C LEU B 119 18.17 72.36 10.37
N GLU B 120 17.92 71.39 11.26
CA GLU B 120 17.97 71.69 12.69
C GLU B 120 19.40 71.98 13.13
N GLY B 121 20.37 71.30 12.54
CA GLY B 121 21.75 71.37 13.00
C GLY B 121 22.74 71.95 12.01
N GLU B 122 22.35 73.04 11.35
CA GLU B 122 23.25 73.79 10.47
C GLU B 122 22.71 75.21 10.26
C1 BOG C . -5.76 28.81 12.06
O1 BOG C . -5.22 28.43 10.88
C2 BOG C . -6.47 27.65 12.75
O2 BOG C . -7.51 27.15 11.89
C3 BOG C . -7.07 28.09 14.04
O3 BOG C . -7.46 26.91 14.79
C4 BOG C . -6.15 28.90 14.92
O4 BOG C . -6.94 29.61 15.87
C5 BOG C . -5.29 29.92 14.15
O5 BOG C . -4.68 29.33 12.96
C6 BOG C . -4.19 30.43 15.03
O6 BOG C . -3.03 29.70 14.78
C1' BOG C . -3.91 28.89 10.60
C2' BOG C . -3.83 30.43 10.54
C3' BOG C . -4.37 30.95 9.19
C4' BOG C . -3.30 30.75 8.12
C5' BOG C . -3.84 31.24 6.77
C6' BOG C . -2.71 31.25 5.74
C7' BOG C . -3.25 30.71 4.43
C8' BOG C . -2.32 31.14 3.30
H1 BOG C . -6.40 29.52 11.90
H2 BOG C . -5.83 26.94 12.92
HO2 BOG C . -7.35 26.35 11.69
H3 BOG C . -7.86 28.63 13.86
HO3 BOG C . -8.31 26.90 14.89
H4 BOG C . -5.56 28.29 15.39
HO4 BOG C . -6.95 29.18 16.60
H5 BOG C . -5.85 30.67 13.89
H61 BOG C . -4.45 30.31 15.97
H62 BOG C . -4.03 31.37 14.85
HO6 BOG C . -2.44 29.90 15.36
H1'1 BOG C . -3.32 28.58 11.30
H1'2 BOG C . -3.61 28.53 9.76
H2'1 BOG C . -4.36 30.81 11.26
H2'2 BOG C . -2.91 30.72 10.64
H3'1 BOG C . -5.17 30.44 8.96
H3'2 BOG C . -4.60 31.88 9.27
H4'1 BOG C . -3.07 29.81 8.05
H4'2 BOG C . -2.51 31.26 8.36
H5'1 BOG C . -4.55 30.65 6.48
H5'2 BOG C . -4.19 32.14 6.88
H6'1 BOG C . -2.39 32.15 5.62
H6'2 BOG C . -1.99 30.68 6.06
H7'1 BOG C . -3.27 29.73 4.46
H7'2 BOG C . -4.13 31.06 4.28
H8'1 BOG C . -2.19 32.10 3.35
H8'2 BOG C . -1.46 30.70 3.41
H8'3 BOG C . -2.70 30.91 2.46
C1 GOL D . -12.18 -27.97 -9.05
O1 GOL D . -10.79 -27.72 -9.17
C2 GOL D . -12.83 -26.86 -8.24
O2 GOL D . -12.30 -25.63 -8.63
C3 GOL D . -14.35 -26.84 -8.42
O3 GOL D . -14.90 -25.81 -7.63
H11 GOL D . -12.33 -28.93 -8.57
H12 GOL D . -12.63 -28.02 -10.05
HO1 GOL D . -10.36 -28.46 -9.65
H2 GOL D . -12.61 -27.03 -7.19
HO2 GOL D . -12.52 -25.46 -9.57
H31 GOL D . -14.76 -27.80 -8.11
H32 GOL D . -14.58 -26.68 -9.47
HO3 GOL D . -15.88 -25.90 -7.63
#